data_8IPL
#
_entry.id   8IPL
#
_cell.length_a   63.167
_cell.length_b   70.978
_cell.length_c   75.930
_cell.angle_alpha   90.00
_cell.angle_beta   90.00
_cell.angle_gamma   90.00
#
_symmetry.space_group_name_H-M   'P 21 21 21'
#
loop_
_entity.id
_entity.type
_entity.pdbx_description
1 polymer 'Putative ribosome-binding factor A, mitochondrial'
2 polymer '12S rRNA N4-methylcytidine (m4C) methyltransferase'
3 non-polymer S-ADENOSYLMETHIONINE
4 water water
#
loop_
_entity_poly.entity_id
_entity_poly.type
_entity_poly.pdbx_seq_one_letter_code
_entity_poly.pdbx_strand_id
1 'polypeptide(L)' TTEPTTSSSLCGIDHEALNKQIMEYKRRKDKGLG B
2 'polypeptide(L)'
;KLHIPVMVDEVVHCLSPQKGQIFLDMTFGSGGHTKAILQKESDIVLYALDRDPTAYALAEHLSELYPKQIRAMLGQFSQA
EALLMKAGVQPGTFDGVLMDLGCSSMQLDTPERGFSLRKDGPLDMRMDGGRYPDMPTAADVVNALDQQALASILRTYGEE
KHAKKIASAIVQARSIYPITRTQQLASIVAGAFPPSAIYTRKDLLQRSTHIATKTFQALRIFVNNELNELYTGLKTAQKF
LRPGGRLVALSFHSLEDRIVKRFLLGISMTERFNLSVRQQVMKTSQLGSDHENTEEVSMRRAPLMWELIHKKVLSPQDQD
VQDNPRGRSAKLRAAIKL
;
A
#
# COMPACT_ATOMS: atom_id res chain seq x y z
N SER A 9 -11.46 -7.70 -7.54
CA SER A 9 -12.57 -8.33 -6.84
C SER A 9 -13.64 -7.35 -6.33
N LEU A 10 -13.26 -6.19 -5.74
CA LEU A 10 -14.27 -5.34 -5.10
C LEU A 10 -14.24 -3.85 -5.41
N CYS A 11 -13.29 -3.34 -6.20
CA CYS A 11 -13.20 -1.90 -6.42
C CYS A 11 -13.42 -1.48 -7.88
N GLY A 12 -14.18 -2.27 -8.64
CA GLY A 12 -14.48 -1.93 -10.01
C GLY A 12 -13.51 -2.46 -11.05
N ILE A 13 -12.37 -3.02 -10.62
CA ILE A 13 -11.36 -3.57 -11.50
C ILE A 13 -11.26 -5.06 -11.20
N ASP A 14 -11.38 -5.88 -12.24
CA ASP A 14 -11.39 -7.34 -12.11
C ASP A 14 -9.95 -7.84 -12.15
N HIS A 15 -9.33 -7.92 -10.96
CA HIS A 15 -7.94 -8.32 -10.89
C HIS A 15 -7.74 -9.75 -11.38
N GLU A 16 -8.65 -10.65 -11.02
CA GLU A 16 -8.52 -12.05 -11.45
C GLU A 16 -8.47 -12.16 -12.97
N ALA A 17 -9.48 -11.61 -13.65
CA ALA A 17 -9.53 -11.69 -15.11
C ALA A 17 -8.29 -11.06 -15.73
N LEU A 18 -7.87 -9.90 -15.21
CA LEU A 18 -6.75 -9.17 -15.79
C LEU A 18 -5.42 -9.87 -15.48
N ASN A 19 -5.28 -10.42 -14.28
CA ASN A 19 -4.09 -11.22 -13.94
C ASN A 19 -3.95 -12.40 -14.89
N LYS A 20 -5.05 -13.07 -15.22
CA LYS A 20 -4.96 -14.19 -16.15
C LYS A 20 -4.53 -13.71 -17.53
N GLN A 21 -4.98 -12.54 -17.96
CA GLN A 21 -4.48 -11.98 -19.21
C GLN A 21 -2.98 -11.77 -19.13
N ILE A 22 -2.50 -11.22 -18.02
CA ILE A 22 -1.07 -10.96 -17.85
C ILE A 22 -0.29 -12.27 -17.79
N MET A 23 -0.81 -13.28 -17.08
CA MET A 23 -0.09 -14.55 -16.98
C MET A 23 0.00 -15.26 -18.33
N GLU A 24 -1.04 -15.16 -19.18
CA GLU A 24 -0.90 -15.68 -20.54
C GLU A 24 0.21 -14.94 -21.28
N TYR A 25 0.31 -13.62 -21.09
CA TYR A 25 1.36 -12.84 -21.72
C TYR A 25 2.74 -13.30 -21.25
N LYS A 26 2.89 -13.48 -19.94
CA LYS A 26 4.17 -13.89 -19.38
C LYS A 26 4.54 -15.30 -19.82
N ARG A 27 3.55 -16.18 -20.00
CA ARG A 27 3.86 -17.50 -20.54
C ARG A 27 4.33 -17.40 -21.98
N ARG A 28 3.67 -16.57 -22.79
CA ARG A 28 4.14 -16.35 -24.16
C ARG A 28 5.58 -15.84 -24.16
N LYS A 29 5.88 -14.85 -23.31
CA LYS A 29 7.25 -14.37 -23.18
C LYS A 29 8.18 -15.47 -22.65
N ASP A 30 7.63 -16.40 -21.86
CA ASP A 30 8.37 -17.46 -21.16
C ASP A 30 9.77 -17.05 -20.71
N VAL B 6 5.74 9.29 10.21
CA VAL B 6 4.58 10.12 9.86
C VAL B 6 3.61 10.18 11.04
N MET B 7 3.35 11.40 11.54
CA MET B 7 2.37 11.60 12.59
C MET B 7 2.66 10.76 13.82
N VAL B 8 3.94 10.54 14.10
CA VAL B 8 4.33 9.49 15.05
C VAL B 8 3.79 9.79 16.43
N ASP B 9 3.84 11.06 16.84
CA ASP B 9 3.24 11.43 18.13
C ASP B 9 1.74 11.19 18.12
N GLU B 10 1.07 11.45 16.98
CA GLU B 10 -0.38 11.31 16.92
C GLU B 10 -0.79 9.83 16.93
N VAL B 11 -0.14 9.02 16.11
CA VAL B 11 -0.42 7.58 16.11
C VAL B 11 -0.26 7.00 17.50
N VAL B 12 0.90 7.22 18.11
CA VAL B 12 1.16 6.64 19.43
C VAL B 12 0.13 7.14 20.44
N HIS B 13 -0.18 8.45 20.39
CA HIS B 13 -1.17 8.97 21.31
C HIS B 13 -2.54 8.37 21.07
N CYS B 14 -2.88 8.07 19.81
CA CYS B 14 -4.16 7.43 19.50
C CYS B 14 -4.22 6.01 20.01
N LEU B 15 -3.12 5.24 19.87
CA LEU B 15 -3.13 3.87 20.34
C LEU B 15 -3.12 3.79 21.87
N SER B 16 -2.55 4.81 22.52
CA SER B 16 -2.45 4.87 23.97
C SER B 16 -1.97 3.54 24.58
N PRO B 17 -0.76 3.10 24.26
CA PRO B 17 -0.31 1.78 24.74
C PRO B 17 -0.09 1.77 26.24
N GLN B 18 -0.45 0.65 26.87
CA GLN B 18 -0.31 0.45 28.30
C GLN B 18 0.46 -0.83 28.58
N LYS B 19 1.03 -0.92 29.77
CA LYS B 19 1.69 -2.14 30.21
C LYS B 19 0.76 -3.35 30.07
N GLY B 20 1.29 -4.44 29.53
CA GLY B 20 0.52 -5.65 29.35
C GLY B 20 -0.32 -5.73 28.10
N GLN B 21 -0.34 -4.70 27.27
CA GLN B 21 -1.20 -4.74 26.11
C GLN B 21 -0.51 -5.39 24.90
N ILE B 22 -1.32 -5.73 23.89
CA ILE B 22 -0.88 -6.48 22.71
C ILE B 22 -1.29 -5.69 21.48
N PHE B 23 -0.36 -5.50 20.55
CA PHE B 23 -0.59 -4.67 19.38
C PHE B 23 -0.22 -5.42 18.11
N LEU B 24 -0.87 -5.00 17.02
CA LEU B 24 -0.59 -5.49 15.68
C LEU B 24 -0.25 -4.29 14.81
N ASP B 25 0.96 -4.24 14.34
CA ASP B 25 1.41 -3.22 13.40
C ASP B 25 1.36 -3.91 12.04
N MET B 26 0.32 -3.58 11.26
CA MET B 26 0.10 -4.28 10.00
C MET B 26 1.01 -3.81 8.89
N THR B 27 1.71 -2.68 9.08
CA THR B 27 2.53 -2.05 8.05
C THR B 27 3.87 -1.64 8.68
N PHE B 28 4.70 -2.62 9.03
CA PHE B 28 5.89 -2.33 9.83
C PHE B 28 6.83 -1.39 9.09
N GLY B 29 7.01 -1.58 7.77
CA GLY B 29 7.83 -0.66 7.01
C GLY B 29 9.26 -0.60 7.56
N SER B 30 9.74 0.60 7.85
CA SER B 30 11.05 0.76 8.48
C SER B 30 11.01 0.59 9.99
N GLY B 31 9.85 0.30 10.58
CA GLY B 31 9.76 0.16 12.02
C GLY B 31 9.52 1.44 12.79
N GLY B 32 9.35 2.58 12.09
CA GLY B 32 9.18 3.85 12.77
C GLY B 32 8.09 3.83 13.82
N HIS B 33 6.88 3.38 13.45
CA HIS B 33 5.79 3.39 14.41
C HIS B 33 5.96 2.32 15.48
N THR B 34 6.46 1.15 15.12
CA THR B 34 6.65 0.11 16.14
C THR B 34 7.67 0.57 17.18
N LYS B 35 8.74 1.22 16.75
CA LYS B 35 9.75 1.68 17.69
C LYS B 35 9.21 2.80 18.56
N ALA B 36 8.36 3.65 18.00
CA ALA B 36 7.77 4.73 18.81
C ALA B 36 6.82 4.15 19.85
N ILE B 37 6.12 3.07 19.51
CA ILE B 37 5.27 2.42 20.50
C ILE B 37 6.13 1.82 21.61
N LEU B 38 7.19 1.08 21.23
CA LEU B 38 8.05 0.48 22.24
C LEU B 38 8.71 1.53 23.12
N GLN B 39 9.02 2.68 22.55
CA GLN B 39 9.63 3.74 23.34
C GLN B 39 8.67 4.30 24.39
N LYS B 40 7.39 4.47 24.03
CA LYS B 40 6.43 4.94 25.03
C LYS B 40 6.12 3.86 26.05
N GLU B 41 6.17 2.60 25.64
CA GLU B 41 5.89 1.50 26.57
C GLU B 41 6.53 0.23 26.02
N SER B 42 7.57 -0.27 26.71
CA SER B 42 8.28 -1.47 26.33
C SER B 42 7.68 -2.76 26.90
N ASP B 43 6.73 -2.66 27.83
CA ASP B 43 6.10 -3.84 28.43
C ASP B 43 4.83 -4.23 27.68
N ILE B 44 5.01 -4.62 26.40
CA ILE B 44 3.91 -4.98 25.53
C ILE B 44 4.33 -6.18 24.67
N VAL B 45 3.37 -6.73 23.95
CA VAL B 45 3.68 -7.63 22.86
C VAL B 45 3.22 -6.96 21.58
N LEU B 46 4.05 -7.05 20.55
CA LEU B 46 3.72 -6.41 19.29
C LEU B 46 4.01 -7.37 18.15
N TYR B 47 2.96 -7.73 17.42
CA TYR B 47 3.06 -8.47 16.17
C TYR B 47 3.30 -7.48 15.02
N ALA B 48 4.33 -7.71 14.24
CA ALA B 48 4.78 -6.74 13.24
C ALA B 48 4.72 -7.41 11.87
N LEU B 49 3.83 -6.95 11.01
CA LEU B 49 3.58 -7.58 9.73
C LEU B 49 4.00 -6.65 8.59
N ASP B 50 4.51 -7.23 7.52
CA ASP B 50 4.71 -6.50 6.29
C ASP B 50 4.79 -7.50 5.16
N ARG B 51 4.26 -7.12 3.98
CA ARG B 51 4.36 -8.00 2.82
C ARG B 51 5.73 -7.93 2.15
N ASP B 52 6.53 -6.94 2.52
CA ASP B 52 7.79 -6.69 1.85
C ASP B 52 8.93 -7.38 2.62
N PRO B 53 9.64 -8.33 2.00
CA PRO B 53 10.80 -8.95 2.68
C PRO B 53 11.75 -7.97 3.35
N THR B 54 12.04 -6.83 2.72
CA THR B 54 12.99 -5.89 3.29
C THR B 54 12.49 -5.36 4.63
N ALA B 55 11.20 -5.06 4.73
CA ALA B 55 10.63 -4.56 5.98
C ALA B 55 10.53 -5.68 7.01
N TYR B 56 10.11 -6.87 6.59
CA TYR B 56 10.02 -8.00 7.50
C TYR B 56 11.38 -8.33 8.11
N ALA B 57 12.44 -8.23 7.30
CA ALA B 57 13.79 -8.48 7.83
C ALA B 57 14.17 -7.46 8.91
N LEU B 58 13.76 -6.20 8.73
CA LEU B 58 14.05 -5.21 9.78
C LEU B 58 13.31 -5.56 11.06
N ALA B 59 12.06 -6.03 10.94
CA ALA B 59 11.32 -6.50 12.12
C ALA B 59 12.02 -7.68 12.78
N GLU B 60 12.53 -8.62 11.98
CA GLU B 60 13.28 -9.74 12.54
C GLU B 60 14.53 -9.26 13.27
N HIS B 61 15.23 -8.31 12.66
CA HIS B 61 16.39 -7.74 13.31
C HIS B 61 16.00 -7.03 14.61
N LEU B 62 14.87 -6.33 14.60
CA LEU B 62 14.37 -5.68 15.82
C LEU B 62 14.02 -6.70 16.89
N SER B 63 13.43 -7.83 16.49
CA SER B 63 13.07 -8.86 17.45
C SER B 63 14.27 -9.43 18.21
N GLU B 64 15.49 -9.20 17.74
CA GLU B 64 16.66 -9.66 18.48
C GLU B 64 16.99 -8.71 19.61
N LEU B 65 16.71 -7.42 19.44
CA LEU B 65 16.81 -6.50 20.56
C LEU B 65 15.65 -6.69 21.54
N TYR B 66 14.46 -6.98 21.03
CA TYR B 66 13.24 -7.09 21.84
C TYR B 66 12.62 -8.48 21.72
N PRO B 67 13.33 -9.54 22.15
CA PRO B 67 12.80 -10.90 21.91
C PRO B 67 11.49 -11.20 22.59
N LYS B 68 11.25 -10.69 23.81
CA LYS B 68 9.98 -10.99 24.44
C LYS B 68 8.82 -10.26 23.76
N GLN B 69 9.07 -9.11 23.13
CA GLN B 69 8.01 -8.22 22.68
C GLN B 69 7.62 -8.40 21.21
N ILE B 70 8.57 -8.54 20.29
CA ILE B 70 8.31 -8.45 18.85
C ILE B 70 8.14 -9.84 18.26
N ARG B 71 7.05 -10.04 17.49
CA ARG B 71 6.88 -11.20 16.62
C ARG B 71 6.76 -10.70 15.18
N ALA B 72 7.77 -10.98 14.37
CA ALA B 72 7.79 -10.54 12.98
C ALA B 72 7.04 -11.55 12.10
N MET B 73 6.23 -11.05 11.18
CA MET B 73 5.49 -11.87 10.23
C MET B 73 5.65 -11.29 8.83
N LEU B 74 5.69 -12.16 7.84
CA LEU B 74 5.88 -11.79 6.45
C LEU B 74 4.63 -12.22 5.69
N GLY B 75 3.84 -11.25 5.27
CA GLY B 75 2.64 -11.57 4.54
C GLY B 75 1.86 -10.32 4.21
N GLN B 76 0.95 -10.49 3.24
CA GLN B 76 -0.01 -9.49 2.85
C GLN B 76 -1.16 -9.41 3.84
N PHE B 77 -1.85 -8.27 3.83
CA PHE B 77 -3.08 -8.13 4.60
C PHE B 77 -4.00 -9.34 4.41
N SER B 78 -4.13 -9.79 3.16
CA SER B 78 -5.02 -10.92 2.86
C SER B 78 -4.53 -12.21 3.50
N GLN B 79 -3.25 -12.28 3.86
CA GLN B 79 -2.64 -13.44 4.51
C GLN B 79 -2.60 -13.31 6.03
N ALA B 80 -2.95 -12.14 6.58
CA ALA B 80 -2.69 -11.85 7.99
C ALA B 80 -3.47 -12.80 8.89
N GLU B 81 -4.73 -13.05 8.54
CA GLU B 81 -5.58 -13.92 9.37
C GLU B 81 -4.95 -15.30 9.51
N ALA B 82 -4.50 -15.88 8.40
CA ALA B 82 -3.88 -17.21 8.47
C ALA B 82 -2.57 -17.17 9.25
N LEU B 83 -1.75 -16.12 9.07
CA LEU B 83 -0.51 -16.00 9.83
C LEU B 83 -0.80 -15.86 11.32
N LEU B 84 -1.80 -15.07 11.68
CA LEU B 84 -2.11 -14.91 13.09
C LEU B 84 -2.58 -16.23 13.70
N MET B 85 -3.51 -16.92 13.03
CA MET B 85 -4.09 -18.13 13.59
C MET B 85 -3.01 -19.18 13.75
N LYS B 86 -2.16 -19.28 12.74
CA LYS B 86 -0.97 -20.11 12.77
C LYS B 86 -0.04 -19.74 13.93
N ALA B 87 0.02 -18.46 14.29
CA ALA B 87 0.82 -18.05 15.45
C ALA B 87 0.11 -18.26 16.77
N GLY B 88 -1.11 -18.82 16.76
CA GLY B 88 -1.86 -19.02 17.98
C GLY B 88 -2.63 -17.82 18.49
N VAL B 89 -2.80 -16.77 17.69
CA VAL B 89 -3.52 -15.58 18.13
C VAL B 89 -5.00 -15.77 17.85
N GLN B 90 -5.81 -15.72 18.89
CA GLN B 90 -7.26 -15.78 18.74
C GLN B 90 -7.82 -14.43 18.31
N PRO B 91 -8.95 -14.42 17.58
CA PRO B 91 -9.72 -13.17 17.42
C PRO B 91 -9.99 -12.49 18.76
N GLY B 92 -10.28 -11.20 18.75
CA GLY B 92 -10.53 -10.50 20.01
C GLY B 92 -9.32 -10.38 20.93
N THR B 93 -8.12 -10.33 20.38
CA THR B 93 -6.89 -10.30 21.18
C THR B 93 -6.28 -8.90 21.35
N PHE B 94 -6.21 -8.12 20.29
CA PHE B 94 -5.36 -6.94 20.25
C PHE B 94 -6.01 -5.73 20.91
N ASP B 95 -5.21 -4.99 21.69
CA ASP B 95 -5.58 -3.68 22.21
C ASP B 95 -5.52 -2.59 21.15
N GLY B 96 -4.70 -2.77 20.12
CA GLY B 96 -4.60 -1.78 19.07
C GLY B 96 -4.05 -2.38 17.80
N VAL B 97 -4.50 -1.84 16.68
CA VAL B 97 -4.03 -2.25 15.36
C VAL B 97 -3.69 -0.97 14.60
N LEU B 98 -2.53 -0.95 13.98
CA LEU B 98 -2.07 0.19 13.21
C LEU B 98 -1.94 -0.18 11.74
N MET B 99 -2.48 0.66 10.86
CA MET B 99 -2.29 0.51 9.42
C MET B 99 -1.81 1.83 8.83
N ASP B 100 -0.54 1.89 8.44
CA ASP B 100 0.05 3.10 7.81
C ASP B 100 0.23 2.77 6.33
N LEU B 101 -0.67 3.29 5.48
CA LEU B 101 -0.86 2.71 4.16
C LEU B 101 0.15 3.26 3.14
N GLY B 102 0.19 2.59 1.99
CA GLY B 102 1.04 2.96 0.88
C GLY B 102 2.43 2.34 0.92
N CYS B 103 3.45 3.17 0.68
CA CYS B 103 4.81 2.75 0.43
C CYS B 103 5.73 3.14 1.56
N SER B 104 6.76 2.33 1.76
CA SER B 104 7.83 2.64 2.70
C SER B 104 8.93 3.44 2.00
N SER B 105 9.82 3.99 2.82
CA SER B 105 10.95 4.75 2.27
C SER B 105 11.91 3.84 1.53
N MET B 106 12.09 2.60 2.01
CA MET B 106 12.93 1.64 1.31
C MET B 106 12.43 1.41 -0.11
N GLN B 107 11.11 1.23 -0.29
CA GLN B 107 10.54 1.00 -1.61
C GLN B 107 10.73 2.21 -2.52
N LEU B 108 10.47 3.42 -1.99
CA LEU B 108 10.57 4.63 -2.81
C LEU B 108 12.01 5.07 -3.09
N ASP B 109 12.94 4.82 -2.16
CA ASP B 109 14.31 5.30 -2.30
C ASP B 109 15.25 4.28 -2.91
N THR B 110 14.80 3.07 -3.17
CA THR B 110 15.67 2.08 -3.78
C THR B 110 15.38 2.04 -5.27
N PRO B 111 16.26 2.57 -6.12
CA PRO B 111 15.97 2.61 -7.56
C PRO B 111 15.59 1.25 -8.15
N GLU B 112 16.22 0.17 -7.68
CA GLU B 112 15.98 -1.14 -8.30
C GLU B 112 14.57 -1.67 -8.04
N ARG B 113 13.92 -1.24 -6.96
CA ARG B 113 12.56 -1.72 -6.68
C ARG B 113 11.57 -1.20 -7.71
N GLY B 114 11.88 -0.09 -8.38
CA GLY B 114 11.05 0.38 -9.48
C GLY B 114 9.78 1.12 -9.10
N PHE B 115 9.79 1.86 -7.99
CA PHE B 115 8.60 2.61 -7.56
C PHE B 115 8.62 4.06 -8.00
N SER B 116 9.79 4.65 -8.26
CA SER B 116 9.93 6.08 -8.52
C SER B 116 10.16 6.34 -10.00
N LEU B 117 9.48 7.36 -10.52
CA LEU B 117 9.82 7.86 -11.85
C LEU B 117 11.11 8.66 -11.82
N ARG B 118 11.55 9.11 -10.64
CA ARG B 118 12.71 9.98 -10.55
C ARG B 118 14.02 9.22 -10.59
N LYS B 119 14.03 7.94 -10.23
CA LYS B 119 15.23 7.11 -10.23
C LYS B 119 14.97 5.94 -11.16
N ASP B 120 15.82 5.78 -12.16
CA ASP B 120 15.60 4.71 -13.12
C ASP B 120 15.89 3.36 -12.48
N GLY B 121 15.09 2.38 -12.85
CA GLY B 121 15.23 1.02 -12.41
C GLY B 121 14.25 0.16 -13.18
N PRO B 122 14.33 -1.16 -13.03
CA PRO B 122 13.33 -2.02 -13.66
C PRO B 122 11.93 -1.64 -13.20
N LEU B 123 10.99 -1.63 -14.15
CA LEU B 123 9.61 -1.30 -13.83
C LEU B 123 8.98 -2.44 -13.04
N ASP B 124 9.37 -2.58 -11.78
CA ASP B 124 8.93 -3.72 -10.97
C ASP B 124 7.71 -3.34 -10.14
N MET B 125 7.90 -2.48 -9.14
CA MET B 125 6.84 -1.89 -8.33
C MET B 125 6.13 -2.89 -7.41
N ARG B 126 6.65 -4.11 -7.29
CA ARG B 126 6.06 -5.11 -6.40
C ARG B 126 6.51 -4.86 -4.96
N MET B 127 5.54 -4.66 -4.07
CA MET B 127 5.89 -4.47 -2.66
C MET B 127 6.49 -5.74 -2.06
N ASP B 128 6.11 -6.91 -2.61
CA ASP B 128 6.60 -8.21 -2.17
C ASP B 128 8.02 -8.52 -2.65
N GLY B 129 8.67 -7.60 -3.35
CA GLY B 129 10.05 -7.83 -3.76
C GLY B 129 10.14 -9.04 -4.67
N GLY B 130 11.11 -9.90 -4.41
CA GLY B 130 11.23 -11.12 -5.18
C GLY B 130 10.58 -12.32 -4.51
N ARG B 131 9.68 -12.09 -3.56
CA ARG B 131 9.07 -13.22 -2.84
C ARG B 131 8.28 -14.13 -3.78
N TYR B 132 7.53 -13.56 -4.73
CA TYR B 132 6.70 -14.32 -5.66
C TYR B 132 7.18 -14.06 -7.08
N PRO B 133 8.04 -14.92 -7.61
CA PRO B 133 8.60 -14.66 -8.95
C PRO B 133 7.53 -14.59 -10.03
N ASP B 134 6.39 -15.24 -9.85
CA ASP B 134 5.34 -15.21 -10.86
C ASP B 134 4.42 -13.99 -10.73
N MET B 135 4.54 -13.21 -9.67
CA MET B 135 3.64 -12.08 -9.49
C MET B 135 3.94 -11.06 -10.58
N PRO B 136 2.95 -10.57 -11.30
CA PRO B 136 3.22 -9.61 -12.38
C PRO B 136 3.83 -8.32 -11.86
N THR B 137 4.80 -7.80 -12.63
CA THR B 137 5.38 -6.49 -12.36
C THR B 137 4.55 -5.41 -13.04
N ALA B 138 4.91 -4.15 -12.78
CA ALA B 138 4.31 -3.05 -13.52
C ALA B 138 4.63 -3.14 -15.01
N ALA B 139 5.83 -3.62 -15.35
CA ALA B 139 6.15 -3.83 -16.75
C ALA B 139 5.21 -4.86 -17.38
N ASP B 140 4.97 -5.98 -16.68
CA ASP B 140 4.02 -6.96 -17.18
C ASP B 140 2.65 -6.32 -17.42
N VAL B 141 2.25 -5.39 -16.55
CA VAL B 141 0.94 -4.76 -16.69
C VAL B 141 0.87 -3.91 -17.96
N VAL B 142 1.83 -3.00 -18.14
CA VAL B 142 1.77 -2.09 -19.27
C VAL B 142 2.14 -2.78 -20.57
N ASN B 143 2.79 -3.93 -20.52
CA ASN B 143 3.12 -4.63 -21.74
C ASN B 143 2.01 -5.58 -22.19
N ALA B 144 1.19 -6.09 -21.26
CA ALA B 144 0.20 -7.14 -21.58
C ALA B 144 -1.22 -6.62 -21.76
N LEU B 145 -1.64 -5.61 -20.99
CA LEU B 145 -3.06 -5.27 -20.97
C LEU B 145 -3.42 -4.43 -22.17
N ASP B 146 -4.71 -4.45 -22.52
CA ASP B 146 -5.14 -3.65 -23.66
C ASP B 146 -5.48 -2.22 -23.22
N GLN B 147 -5.76 -1.38 -24.21
CA GLN B 147 -5.88 0.06 -23.97
C GLN B 147 -7.00 0.37 -22.99
N GLN B 148 -8.16 -0.23 -23.17
CA GLN B 148 -9.28 0.12 -22.30
C GLN B 148 -9.07 -0.42 -20.89
N ALA B 149 -8.36 -1.54 -20.76
CA ALA B 149 -7.98 -2.01 -19.42
C ALA B 149 -7.00 -1.03 -18.76
N LEU B 150 -5.95 -0.62 -19.46
CA LEU B 150 -5.03 0.34 -18.88
C LEU B 150 -5.74 1.63 -18.52
N ALA B 151 -6.64 2.10 -19.40
CA ALA B 151 -7.36 3.33 -19.13
C ALA B 151 -8.28 3.19 -17.93
N SER B 152 -8.88 2.00 -17.74
CA SER B 152 -9.71 1.80 -16.56
C SER B 152 -8.86 1.83 -15.29
N ILE B 153 -7.65 1.28 -15.34
CA ILE B 153 -6.80 1.32 -14.16
C ILE B 153 -6.36 2.74 -13.85
N LEU B 154 -5.86 3.46 -14.85
CA LEU B 154 -5.42 4.83 -14.60
C LEU B 154 -6.58 5.72 -14.11
N ARG B 155 -7.78 5.54 -14.66
CA ARG B 155 -8.92 6.35 -14.19
C ARG B 155 -9.37 5.92 -12.79
N THR B 156 -9.57 4.61 -12.59
CA THR B 156 -10.16 4.15 -11.33
C THR B 156 -9.17 4.21 -10.18
N TYR B 157 -7.94 3.72 -10.37
CA TYR B 157 -6.97 3.68 -9.28
C TYR B 157 -6.10 4.92 -9.23
N GLY B 158 -5.92 5.59 -10.35
CA GLY B 158 -5.09 6.79 -10.33
C GLY B 158 -5.86 8.09 -10.35
N GLU B 159 -7.18 8.03 -10.55
CA GLU B 159 -8.00 9.24 -10.70
C GLU B 159 -7.41 10.15 -11.78
N GLU B 160 -6.87 9.53 -12.82
CA GLU B 160 -6.19 10.26 -13.88
C GLU B 160 -7.20 10.64 -14.96
N LYS B 161 -7.45 11.94 -15.12
CA LYS B 161 -8.43 12.43 -16.09
C LYS B 161 -8.03 12.14 -17.54
N HIS B 162 -6.73 12.10 -17.84
CA HIS B 162 -6.25 11.79 -19.19
C HIS B 162 -5.96 10.31 -19.38
N ALA B 163 -6.70 9.44 -18.68
CA ALA B 163 -6.43 8.00 -18.74
C ALA B 163 -6.36 7.47 -20.17
N LYS B 164 -7.30 7.88 -21.03
CA LYS B 164 -7.37 7.31 -22.37
C LYS B 164 -6.19 7.75 -23.22
N LYS B 165 -5.83 9.03 -23.17
CA LYS B 165 -4.69 9.51 -23.93
C LYS B 165 -3.38 8.89 -23.44
N ILE B 166 -3.25 8.63 -22.14
CA ILE B 166 -2.05 7.98 -21.64
C ILE B 166 -2.04 6.50 -22.03
N ALA B 167 -3.18 5.80 -21.83
CA ALA B 167 -3.26 4.40 -22.22
C ALA B 167 -2.90 4.20 -23.70
N SER B 168 -3.44 5.06 -24.57
CA SER B 168 -3.08 4.99 -25.99
C SER B 168 -1.59 5.20 -26.19
N ALA B 169 -1.00 6.17 -25.48
CA ALA B 169 0.45 6.39 -25.59
C ALA B 169 1.23 5.14 -25.18
N ILE B 170 0.77 4.43 -24.15
CA ILE B 170 1.50 3.25 -23.67
C ILE B 170 1.43 2.12 -24.69
N VAL B 171 0.24 1.88 -25.28
CA VAL B 171 0.11 0.81 -26.26
C VAL B 171 0.92 1.12 -27.52
N GLN B 172 0.88 2.37 -27.97
CA GLN B 172 1.70 2.77 -29.12
C GLN B 172 3.17 2.53 -28.85
N ALA B 173 3.66 2.99 -27.70
CA ALA B 173 5.08 2.90 -27.37
C ALA B 173 5.54 1.47 -27.24
N ARG B 174 4.76 0.63 -26.58
CA ARG B 174 5.18 -0.76 -26.38
C ARG B 174 5.13 -1.57 -27.66
N SER B 175 4.37 -1.12 -28.68
CA SER B 175 4.40 -1.79 -29.98
C SER B 175 5.79 -1.70 -30.60
N ILE B 176 6.50 -0.60 -30.36
CA ILE B 176 7.84 -0.41 -30.91
C ILE B 176 8.87 -1.16 -30.08
N TYR B 177 8.71 -1.17 -28.77
CA TYR B 177 9.75 -1.68 -27.88
C TYR B 177 9.17 -1.88 -26.48
N PRO B 178 9.42 -3.03 -25.86
CA PRO B 178 8.82 -3.30 -24.54
C PRO B 178 9.21 -2.25 -23.52
N ILE B 179 8.24 -1.88 -22.69
CA ILE B 179 8.42 -0.88 -21.63
C ILE B 179 8.91 -1.62 -20.39
N THR B 180 10.19 -1.45 -20.04
CA THR B 180 10.79 -2.22 -18.97
C THR B 180 11.38 -1.42 -17.82
N ARG B 181 11.47 -0.08 -17.93
CA ARG B 181 12.13 0.71 -16.90
C ARG B 181 11.32 1.96 -16.60
N THR B 182 11.52 2.49 -15.38
CA THR B 182 10.64 3.56 -14.87
C THR B 182 10.78 4.85 -15.67
N GLN B 183 12.01 5.30 -15.93
CA GLN B 183 12.14 6.56 -16.65
C GLN B 183 11.63 6.43 -18.08
N GLN B 184 11.82 5.27 -18.69
CA GLN B 184 11.18 4.97 -19.97
C GLN B 184 9.67 5.21 -19.91
N LEU B 185 8.98 4.58 -18.95
CA LEU B 185 7.54 4.76 -18.83
C LEU B 185 7.18 6.22 -18.59
N ALA B 186 7.88 6.88 -17.67
CA ALA B 186 7.61 8.30 -17.38
C ALA B 186 7.68 9.15 -18.65
N SER B 187 8.65 8.90 -19.52
CA SER B 187 8.75 9.75 -20.71
C SER B 187 7.74 9.36 -21.78
N ILE B 188 7.29 8.11 -21.78
CA ILE B 188 6.19 7.72 -22.66
C ILE B 188 4.91 8.44 -22.22
N VAL B 189 4.68 8.54 -20.91
CA VAL B 189 3.48 9.21 -20.41
C VAL B 189 3.54 10.71 -20.74
N ALA B 190 4.68 11.34 -20.48
CA ALA B 190 4.85 12.74 -20.81
C ALA B 190 4.65 12.99 -22.31
N GLY B 191 4.95 12.00 -23.14
CA GLY B 191 4.80 12.17 -24.58
C GLY B 191 3.36 12.42 -25.01
N ALA B 192 2.39 11.98 -24.24
CA ALA B 192 0.98 12.22 -24.56
C ALA B 192 0.51 13.65 -24.19
N PHE B 193 1.43 14.55 -23.93
CA PHE B 193 1.14 15.93 -23.55
C PHE B 193 2.09 16.84 -24.29
N PRO B 194 1.79 18.14 -24.36
CA PRO B 194 2.77 19.08 -24.91
C PRO B 194 3.98 19.19 -23.99
N PRO B 195 5.14 19.56 -24.53
CA PRO B 195 6.36 19.60 -23.69
C PRO B 195 6.26 20.53 -22.49
N SER B 196 5.28 21.44 -22.46
CA SER B 196 5.16 22.41 -21.37
C SER B 196 4.40 21.85 -20.18
N ALA B 197 3.53 20.87 -20.40
CA ALA B 197 2.68 20.34 -19.34
C ALA B 197 3.34 19.25 -18.52
N ILE B 198 4.61 18.93 -18.77
CA ILE B 198 5.26 17.79 -18.15
C ILE B 198 5.36 17.93 -16.64
N TYR B 199 5.39 19.16 -16.14
CA TYR B 199 5.39 19.44 -14.70
C TYR B 199 4.11 20.14 -14.28
N THR B 200 3.57 19.72 -13.16
CA THR B 200 2.51 20.41 -12.46
C THR B 200 3.05 20.91 -11.13
N ARG B 201 2.35 21.86 -10.53
CA ARG B 201 2.74 22.34 -9.20
C ARG B 201 1.53 22.94 -8.50
N LYS B 202 1.54 22.85 -7.17
CA LYS B 202 0.45 23.40 -6.37
C LYS B 202 0.40 24.93 -6.48
N ASP B 203 1.55 25.58 -6.37
CA ASP B 203 1.64 27.03 -6.51
C ASP B 203 3.00 27.36 -7.13
N LEU B 204 3.26 28.67 -7.30
CA LEU B 204 4.44 29.11 -8.04
C LEU B 204 5.75 28.70 -7.36
N LEU B 205 5.73 28.51 -6.02
CA LEU B 205 6.97 28.28 -5.29
C LEU B 205 7.29 26.81 -5.02
N GLN B 206 6.35 25.90 -5.28
CA GLN B 206 6.51 24.51 -4.88
C GLN B 206 7.25 23.70 -5.93
N ARG B 207 7.60 22.47 -5.55
CA ARG B 207 8.39 21.60 -6.41
C ARG B 207 7.61 21.19 -7.65
N SER B 208 8.30 21.06 -8.77
CA SER B 208 7.68 20.48 -9.95
C SER B 208 7.32 19.02 -9.70
N THR B 209 6.12 18.64 -10.11
CA THR B 209 5.67 17.25 -10.03
C THR B 209 5.46 16.72 -11.43
N HIS B 210 6.07 15.57 -11.72
CA HIS B 210 6.05 14.99 -13.06
C HIS B 210 4.65 14.51 -13.42
N ILE B 211 4.26 14.73 -14.68
CA ILE B 211 2.90 14.44 -15.13
C ILE B 211 2.52 12.96 -15.05
N ALA B 212 3.51 12.06 -15.06
CA ALA B 212 3.25 10.63 -14.94
C ALA B 212 3.05 10.16 -13.51
N THR B 213 2.88 11.07 -12.55
CA THR B 213 2.81 10.68 -11.14
C THR B 213 1.54 9.89 -10.84
N LYS B 214 0.40 10.33 -11.39
CA LYS B 214 -0.83 9.59 -11.15
C LYS B 214 -0.80 8.23 -11.83
N THR B 215 -0.13 8.12 -12.99
CA THR B 215 -0.04 6.83 -13.66
C THR B 215 0.77 5.85 -12.85
N PHE B 216 1.89 6.30 -12.27
CA PHE B 216 2.69 5.44 -11.41
C PHE B 216 1.91 4.97 -10.18
N GLN B 217 1.16 5.87 -9.53
CA GLN B 217 0.32 5.46 -8.39
C GLN B 217 -0.72 4.44 -8.81
N ALA B 218 -1.37 4.67 -9.97
CA ALA B 218 -2.34 3.71 -10.50
C ALA B 218 -1.71 2.33 -10.70
N LEU B 219 -0.55 2.29 -11.34
CA LEU B 219 0.14 1.02 -11.56
C LEU B 219 0.50 0.35 -10.24
N ARG B 220 0.96 1.14 -9.27
CA ARG B 220 1.36 0.58 -7.99
C ARG B 220 0.17 -0.04 -7.28
N ILE B 221 -0.96 0.66 -7.27
CA ILE B 221 -2.15 0.12 -6.62
C ILE B 221 -2.61 -1.13 -7.34
N PHE B 222 -2.60 -1.14 -8.67
CA PHE B 222 -3.00 -2.35 -9.37
C PHE B 222 -2.03 -3.49 -9.06
N VAL B 223 -0.75 -3.29 -9.34
CA VAL B 223 0.24 -4.36 -9.17
C VAL B 223 0.12 -5.00 -7.80
N ASN B 224 -0.14 -4.18 -6.77
CA ASN B 224 -0.17 -4.66 -5.39
C ASN B 224 -1.57 -4.88 -4.86
N ASN B 225 -2.61 -4.72 -5.70
CA ASN B 225 -4.02 -4.95 -5.33
C ASN B 225 -4.38 -4.24 -4.03
N GLU B 226 -3.94 -2.98 -3.91
CA GLU B 226 -3.83 -2.33 -2.61
C GLU B 226 -5.19 -2.02 -2.00
N LEU B 227 -6.20 -1.75 -2.82
CA LEU B 227 -7.49 -1.35 -2.24
C LEU B 227 -8.30 -2.57 -1.81
N ASN B 228 -8.29 -3.63 -2.61
CA ASN B 228 -8.88 -4.89 -2.19
C ASN B 228 -8.16 -5.44 -0.97
N GLU B 229 -6.82 -5.40 -0.99
CA GLU B 229 -6.03 -5.78 0.18
C GLU B 229 -6.46 -4.96 1.40
N LEU B 230 -6.58 -3.64 1.23
CA LEU B 230 -6.96 -2.76 2.34
C LEU B 230 -8.28 -3.22 2.98
N TYR B 231 -9.31 -3.50 2.18
CA TYR B 231 -10.58 -3.94 2.75
C TYR B 231 -10.41 -5.24 3.56
N THR B 232 -9.65 -6.20 3.02
CA THR B 232 -9.37 -7.42 3.78
C THR B 232 -8.60 -7.14 5.07
N GLY B 233 -7.60 -6.26 5.02
CA GLY B 233 -6.87 -5.94 6.23
C GLY B 233 -7.72 -5.29 7.30
N LEU B 234 -8.70 -4.47 6.88
CA LEU B 234 -9.58 -3.80 7.83
C LEU B 234 -10.49 -4.80 8.53
N LYS B 235 -11.12 -5.69 7.75
CA LYS B 235 -11.91 -6.78 8.34
C LYS B 235 -11.07 -7.62 9.28
N THR B 236 -9.84 -7.97 8.87
CA THR B 236 -8.95 -8.73 9.76
C THR B 236 -8.62 -7.93 11.03
N ALA B 237 -8.37 -6.63 10.88
CA ALA B 237 -8.14 -5.79 12.05
C ALA B 237 -9.34 -5.83 13.00
N GLN B 238 -10.55 -5.78 12.45
CA GLN B 238 -11.74 -5.74 13.29
C GLN B 238 -11.95 -7.06 14.00
N LYS B 239 -11.74 -8.17 13.29
CA LYS B 239 -11.90 -9.49 13.89
C LYS B 239 -10.92 -9.70 15.04
N PHE B 240 -9.68 -9.25 14.88
CA PHE B 240 -8.65 -9.58 15.86
C PHE B 240 -8.49 -8.54 16.95
N LEU B 241 -9.17 -7.39 16.85
CA LEU B 241 -9.21 -6.45 17.98
C LEU B 241 -10.13 -6.99 19.07
N ARG B 242 -9.75 -6.73 20.33
CA ARG B 242 -10.69 -6.92 21.42
C ARG B 242 -11.64 -5.74 21.48
N PRO B 243 -12.85 -5.93 22.03
CA PRO B 243 -13.73 -4.79 22.31
C PRO B 243 -12.99 -3.75 23.15
N GLY B 244 -13.18 -2.48 22.83
CA GLY B 244 -12.41 -1.43 23.46
C GLY B 244 -11.01 -1.25 22.89
N GLY B 245 -10.55 -2.14 22.02
CA GLY B 245 -9.28 -1.92 21.34
C GLY B 245 -9.40 -0.85 20.27
N ARG B 246 -8.26 -0.29 19.88
CA ARG B 246 -8.23 0.88 19.00
C ARG B 246 -7.65 0.55 17.63
N LEU B 247 -8.32 0.99 16.59
CA LEU B 247 -7.80 0.91 15.23
C LEU B 247 -7.31 2.29 14.82
N VAL B 248 -6.10 2.36 14.29
CA VAL B 248 -5.55 3.60 13.75
C VAL B 248 -5.08 3.36 12.32
N ALA B 249 -5.65 4.11 11.36
CA ALA B 249 -5.29 4.03 9.95
C ALA B 249 -4.82 5.39 9.44
N LEU B 250 -3.75 5.38 8.66
CA LEU B 250 -3.23 6.57 7.98
C LEU B 250 -3.43 6.40 6.47
N SER B 251 -4.24 7.26 5.87
CA SER B 251 -4.51 7.22 4.44
C SER B 251 -3.72 8.33 3.74
N PHE B 252 -3.22 8.04 2.54
CA PHE B 252 -2.49 9.07 1.80
C PHE B 252 -3.15 9.46 0.48
N HIS B 253 -4.23 8.81 0.07
CA HIS B 253 -5.00 9.33 -1.04
C HIS B 253 -6.47 9.07 -0.77
N SER B 254 -7.30 9.70 -1.59
CA SER B 254 -8.74 9.70 -1.34
C SER B 254 -9.33 8.31 -1.47
N LEU B 255 -8.76 7.44 -2.31
CA LEU B 255 -9.39 6.14 -2.53
C LEU B 255 -9.27 5.28 -1.28
N GLU B 256 -8.10 5.28 -0.63
CA GLU B 256 -7.99 4.46 0.56
C GLU B 256 -8.73 5.10 1.72
N ASP B 257 -8.75 6.43 1.78
CA ASP B 257 -9.44 7.07 2.89
C ASP B 257 -10.93 6.80 2.83
N ARG B 258 -11.47 6.83 1.61
CA ARG B 258 -12.89 6.56 1.40
C ARG B 258 -13.24 5.13 1.82
N ILE B 259 -12.33 4.18 1.58
CA ILE B 259 -12.59 2.80 1.99
C ILE B 259 -12.56 2.70 3.51
N VAL B 260 -11.61 3.38 4.16
CA VAL B 260 -11.56 3.35 5.63
C VAL B 260 -12.82 3.99 6.20
N LYS B 261 -13.19 5.17 5.69
CA LYS B 261 -14.37 5.88 6.17
C LYS B 261 -15.61 4.98 6.13
N ARG B 262 -15.87 4.40 4.96
CA ARG B 262 -17.07 3.60 4.79
C ARG B 262 -17.03 2.31 5.61
N PHE B 263 -15.85 1.69 5.71
CA PHE B 263 -15.72 0.50 6.55
C PHE B 263 -16.07 0.84 8.00
N LEU B 264 -15.56 1.98 8.50
CA LEU B 264 -15.86 2.41 9.86
C LEU B 264 -17.34 2.74 10.03
N LEU B 265 -18.00 3.23 8.99
CA LEU B 265 -19.42 3.52 9.09
C LEU B 265 -20.26 2.26 8.89
N GLY B 266 -19.62 1.11 8.66
CA GLY B 266 -20.30 -0.14 8.38
C GLY B 266 -21.17 -0.10 7.15
N ILE B 267 -20.87 0.78 6.19
CA ILE B 267 -21.70 0.89 4.99
C ILE B 267 -20.89 0.51 3.76
N SER B 268 -20.04 -0.50 3.89
CA SER B 268 -19.54 -1.24 2.74
C SER B 268 -20.54 -2.37 2.45
N MET B 269 -21.09 -2.39 1.24
CA MET B 269 -22.17 -3.32 0.89
C MET B 269 -22.51 -3.28 -0.60
N LEU B 304 -23.04 1.51 14.96
CA LEU B 304 -22.81 1.04 16.32
C LEU B 304 -21.85 -0.16 16.38
N MET B 305 -20.85 -0.19 15.47
CA MET B 305 -19.74 -1.13 15.58
C MET B 305 -18.42 -0.48 15.98
N TRP B 306 -18.30 0.84 15.83
CA TRP B 306 -17.11 1.58 16.20
C TRP B 306 -17.51 2.87 16.90
N GLU B 307 -16.63 3.38 17.75
CA GLU B 307 -16.68 4.76 18.20
C GLU B 307 -15.58 5.51 17.46
N LEU B 308 -15.96 6.48 16.65
CA LEU B 308 -15.00 7.24 15.84
C LEU B 308 -14.37 8.33 16.71
N ILE B 309 -13.09 8.18 17.06
CA ILE B 309 -12.47 9.06 18.06
C ILE B 309 -11.48 10.09 17.48
N HIS B 310 -11.06 9.98 16.23
CA HIS B 310 -10.15 11.00 15.69
C HIS B 310 -10.28 11.02 14.17
N LYS B 311 -10.33 12.22 13.60
CA LYS B 311 -10.07 12.40 12.17
C LYS B 311 -9.17 13.62 12.05
N LYS B 312 -7.93 13.42 11.60
CA LYS B 312 -6.99 14.53 11.55
C LYS B 312 -6.14 14.42 10.28
N VAL B 313 -5.85 15.52 9.54
CA VAL B 313 -4.76 15.36 8.58
C VAL B 313 -3.57 16.13 9.15
N LEU B 314 -2.41 15.80 8.59
CA LEU B 314 -1.15 15.99 9.30
C LEU B 314 -0.08 16.48 8.36
N SER B 329 0.96 14.35 2.41
CA SER B 329 0.03 14.57 3.50
C SER B 329 -0.97 13.40 3.72
N ALA B 330 -1.19 13.05 4.98
CA ALA B 330 -1.98 11.90 5.38
C ALA B 330 -3.27 12.32 6.07
N LYS B 331 -4.25 11.43 6.05
CA LYS B 331 -5.46 11.59 6.85
C LYS B 331 -5.54 10.43 7.84
N LEU B 332 -5.48 10.77 9.11
CA LEU B 332 -5.56 9.77 10.17
C LEU B 332 -7.01 9.60 10.59
N ARG B 333 -7.45 8.35 10.67
CA ARG B 333 -8.72 7.99 11.28
C ARG B 333 -8.47 6.93 12.33
N ALA B 334 -9.05 7.13 13.50
CA ALA B 334 -8.94 6.20 14.61
C ALA B 334 -10.32 5.87 15.15
N ALA B 335 -10.46 4.67 15.69
CA ALA B 335 -11.76 4.24 16.18
C ALA B 335 -11.57 3.15 17.23
N ILE B 336 -12.56 3.07 18.13
CA ILE B 336 -12.62 2.07 19.19
C ILE B 336 -13.65 1.03 18.77
N LYS B 337 -13.26 -0.25 18.81
CA LYS B 337 -14.20 -1.34 18.55
C LYS B 337 -15.18 -1.51 19.73
N LEU B 338 -16.48 -1.51 19.43
CA LEU B 338 -17.49 -1.58 20.49
C LEU B 338 -17.79 -3.00 20.95
#